data_2BG1
#
_entry.id   2BG1
#
_cell.length_a   98.331
_cell.length_b   149.447
_cell.length_c   97.976
_cell.angle_alpha   90.00
_cell.angle_beta   90.00
_cell.angle_gamma   90.00
#
_symmetry.space_group_name_H-M   'C 2 2 21'
#
loop_
_entity.id
_entity.type
_entity.pdbx_description
1 polymer 'PENICILLIN-BINDING PROTEIN 1B'
2 non-polymer 'SULFATE ION'
3 non-polymer 'CHLORIDE ION'
4 water water
#
_entity_poly.entity_id   1
_entity_poly.type   'polypeptide(L)'
_entity_poly.pdbx_seq_one_letter_code
;DISSISEITYSDGTVIASIESDMLRQDFLPSGTVTGISQDYLYFTTLAEAQERMYDYLAQRDNVSAKELKNEATQKFYRD
LAAKEIENGGYKITTTIDQKIHSAMQSAVADYGYLLDDGTGRVEVGNVLMDNQTGAILGFVGGRNYQENQNNHAFDTKRS
PASTTKPLLAYGIAIDQGLMGSETILSNYPTNFANGNPIMYANSKGTGMMTLGEALNYSWNIPAYWTYRMLRENGVDVKG
YMEKMGYEIPEYGIESLPMGGGIEVTVAQHTNGYQTLANNGVYHQKHVISKIEAADGRVVYEYQDKPVQVYSKATATIMQ
GLLREVLSSRVTTTFKSNLTSLNPTLANADWIGKTGTTNQDENMWLMLSTPRLTLGGWIGHDDNHSLSQQAGYSNNSNYM
AHLVNAIQQASPSIWGNERFALDPSVVKSEVLKSTGQKPGKVSVEGKEVEVTGSTVTSYWANKSGAPATSYRFAIGGSDA
DYQNAWSSIVGSLP
;
_entity_poly.pdbx_strand_id   A
#
loop_
_chem_comp.id
_chem_comp.type
_chem_comp.name
_chem_comp.formula
CL non-polymer 'CHLORIDE ION' 'Cl -1'
SO4 non-polymer 'SULFATE ION' 'O4 S -2'
#
# COMPACT_ATOMS: atom_id res chain seq x y z
N ILE A 8 30.72 -4.97 -0.73
CA ILE A 8 29.28 -5.32 -0.83
C ILE A 8 29.06 -6.79 -0.48
N THR A 9 28.31 -7.03 0.60
CA THR A 9 28.04 -8.40 1.05
C THR A 9 26.67 -8.88 0.55
N TYR A 10 25.74 -9.07 1.49
CA TYR A 10 24.39 -9.52 1.18
C TYR A 10 23.51 -9.48 2.42
N ASP A 40 22.49 -6.06 -12.63
CA ASP A 40 23.15 -4.75 -12.55
C ASP A 40 22.41 -3.79 -11.62
N TYR A 41 21.09 -3.91 -11.54
CA TYR A 41 20.31 -3.04 -10.67
C TYR A 41 20.84 -3.09 -9.24
N LEU A 42 21.09 -4.31 -8.76
CA LEU A 42 21.59 -4.52 -7.41
C LEU A 42 22.85 -3.73 -7.12
N TYR A 43 23.83 -3.82 -8.02
CA TYR A 43 25.09 -3.11 -7.83
C TYR A 43 24.91 -1.60 -7.75
N PHE A 44 24.22 -1.02 -8.73
CA PHE A 44 24.01 0.42 -8.74
C PHE A 44 23.13 0.94 -7.62
N THR A 45 22.13 0.16 -7.22
CA THR A 45 21.25 0.57 -6.14
C THR A 45 22.01 0.57 -4.81
N THR A 46 22.75 -0.50 -4.57
CA THR A 46 23.52 -0.64 -3.34
C THR A 46 24.60 0.44 -3.29
N LEU A 47 25.30 0.62 -4.41
CA LEU A 47 26.35 1.62 -4.50
C LEU A 47 25.80 3.02 -4.23
N ALA A 48 24.67 3.33 -4.83
CA ALA A 48 24.05 4.64 -4.66
C ALA A 48 23.69 4.93 -3.20
N GLU A 49 23.11 3.96 -2.52
CA GLU A 49 22.73 4.17 -1.12
C GLU A 49 23.97 4.27 -0.23
N ALA A 50 24.97 3.45 -0.50
CA ALA A 50 26.20 3.47 0.28
C ALA A 50 26.90 4.82 0.12
N GLN A 51 26.86 5.37 -1.09
CA GLN A 51 27.48 6.66 -1.37
C GLN A 51 26.80 7.76 -0.57
N GLU A 52 25.49 7.66 -0.40
CA GLU A 52 24.75 8.67 0.35
C GLU A 52 25.11 8.61 1.83
N ARG A 53 25.27 7.39 2.35
CA ARG A 53 25.63 7.22 3.75
C ARG A 53 27.07 7.67 3.98
N MET A 54 27.93 7.40 3.01
CA MET A 54 29.33 7.79 3.09
C MET A 54 29.43 9.32 3.09
N TYR A 55 28.57 9.94 2.27
CA TYR A 55 28.54 11.38 2.17
C TYR A 55 28.25 12.01 3.53
N ASP A 56 27.23 11.48 4.22
CA ASP A 56 26.86 11.99 5.54
C ASP A 56 28.01 11.80 6.53
N TYR A 57 28.63 10.63 6.50
CA TYR A 57 29.74 10.34 7.40
C TYR A 57 30.93 11.27 7.20
N LEU A 58 31.33 11.45 5.93
CA LEU A 58 32.47 12.31 5.62
C LEU A 58 32.24 13.78 5.99
N ALA A 59 31.03 14.27 5.74
CA ALA A 59 30.71 15.66 6.06
C ALA A 59 30.79 15.87 7.57
N GLN A 60 30.29 14.91 8.33
CA GLN A 60 30.32 14.98 9.79
C GLN A 60 31.76 14.84 10.31
N ARG A 61 32.51 13.92 9.71
CA ARG A 61 33.89 13.69 10.09
C ARG A 61 34.69 14.99 9.95
N ASP A 62 34.56 15.62 8.80
CA ASP A 62 35.27 16.87 8.50
C ASP A 62 34.69 18.08 9.23
N ASN A 63 33.70 17.86 10.08
CA ASN A 63 33.08 18.93 10.85
C ASN A 63 32.41 20.01 9.99
N VAL A 64 32.03 19.65 8.76
CA VAL A 64 31.37 20.58 7.86
C VAL A 64 30.05 21.04 8.49
N SER A 65 29.89 22.36 8.62
CA SER A 65 28.68 22.91 9.22
C SER A 65 27.44 22.69 8.37
N ALA A 66 26.27 22.76 9.00
CA ALA A 66 25.01 22.57 8.31
C ALA A 66 24.85 23.63 7.22
N LYS A 67 25.39 24.82 7.48
CA LYS A 67 25.30 25.92 6.53
C LYS A 67 26.28 25.76 5.36
N GLU A 68 27.53 25.44 5.67
CA GLU A 68 28.54 25.26 4.63
C GLU A 68 28.22 24.04 3.78
N LEU A 69 27.27 23.24 4.24
CA LEU A 69 26.87 22.05 3.52
C LEU A 69 25.70 22.35 2.59
N LYS A 70 25.18 23.57 2.69
CA LYS A 70 24.07 23.99 1.85
C LYS A 70 24.64 24.53 0.54
N ASN A 71 25.95 24.74 0.54
CA ASN A 71 26.64 25.25 -0.64
C ASN A 71 26.68 24.15 -1.70
N GLU A 72 26.24 24.48 -2.91
CA GLU A 72 26.21 23.51 -4.01
C GLU A 72 27.60 22.98 -4.33
N ALA A 73 28.58 23.88 -4.38
CA ALA A 73 29.95 23.48 -4.69
C ALA A 73 30.46 22.49 -3.65
N THR A 74 30.24 22.82 -2.38
CA THR A 74 30.68 21.95 -1.29
C THR A 74 29.98 20.59 -1.36
N GLN A 75 28.70 20.61 -1.68
CA GLN A 75 27.93 19.37 -1.80
C GLN A 75 28.52 18.50 -2.90
N LYS A 76 28.83 19.12 -4.03
CA LYS A 76 29.40 18.39 -5.16
C LYS A 76 30.71 17.73 -4.78
N PHE A 77 31.56 18.46 -4.06
CA PHE A 77 32.85 17.92 -3.64
C PHE A 77 32.67 16.69 -2.75
N TYR A 78 31.81 16.82 -1.74
CA TYR A 78 31.60 15.69 -0.83
C TYR A 78 30.91 14.50 -1.46
N ARG A 79 30.10 14.73 -2.49
CA ARG A 79 29.46 13.61 -3.17
C ARG A 79 30.53 12.86 -3.94
N ASP A 80 31.43 13.60 -4.59
CA ASP A 80 32.51 12.96 -5.36
C ASP A 80 33.49 12.27 -4.41
N LEU A 81 33.75 12.90 -3.27
CA LEU A 81 34.67 12.32 -2.28
C LEU A 81 34.11 10.98 -1.80
N ALA A 82 32.82 10.96 -1.52
CA ALA A 82 32.14 9.75 -1.04
C ALA A 82 32.26 8.64 -2.09
N ALA A 83 32.11 9.00 -3.36
CA ALA A 83 32.21 8.02 -4.42
C ALA A 83 33.61 7.42 -4.43
N LYS A 84 34.62 8.28 -4.41
CA LYS A 84 36.00 7.83 -4.42
C LYS A 84 36.36 7.02 -3.19
N GLU A 85 35.79 7.36 -2.04
CA GLU A 85 36.06 6.62 -0.81
C GLU A 85 35.68 5.16 -0.97
N ILE A 86 34.52 4.91 -1.56
CA ILE A 86 34.06 3.54 -1.78
C ILE A 86 34.85 2.89 -2.90
N GLU A 87 35.06 3.63 -3.99
CA GLU A 87 35.79 3.13 -5.14
C GLU A 87 37.08 2.39 -4.80
N ASN A 88 37.80 2.87 -3.79
CA ASN A 88 39.05 2.22 -3.41
C ASN A 88 39.37 2.39 -1.92
N GLY A 89 38.35 2.31 -1.08
CA GLY A 89 38.55 2.46 0.35
C GLY A 89 38.58 1.15 1.11
N GLY A 90 38.22 0.06 0.45
CA GLY A 90 38.23 -1.23 1.11
C GLY A 90 37.18 -1.34 2.21
N TYR A 91 36.12 -0.56 2.10
CA TYR A 91 35.04 -0.58 3.08
C TYR A 91 34.20 -1.85 2.97
N LYS A 92 33.60 -2.25 4.08
CA LYS A 92 32.76 -3.45 4.11
C LYS A 92 31.30 -2.99 4.17
N ILE A 93 30.59 -3.11 3.06
CA ILE A 93 29.20 -2.70 2.99
C ILE A 93 28.26 -3.90 3.12
N THR A 94 27.52 -3.95 4.22
CA THR A 94 26.59 -5.04 4.47
C THR A 94 25.17 -4.64 4.06
N THR A 95 24.56 -5.40 3.16
CA THR A 95 23.20 -5.11 2.72
C THR A 95 22.21 -6.11 3.32
N THR A 96 20.93 -5.81 3.13
CA THR A 96 19.85 -6.67 3.64
C THR A 96 19.43 -7.70 2.59
N ILE A 97 20.03 -7.62 1.41
CA ILE A 97 19.68 -8.52 0.32
C ILE A 97 19.97 -9.99 0.58
N ASP A 98 18.97 -10.84 0.30
CA ASP A 98 19.11 -12.28 0.45
C ASP A 98 19.49 -12.75 -0.95
N GLN A 99 20.76 -13.14 -1.12
CA GLN A 99 21.29 -13.58 -2.41
C GLN A 99 20.43 -14.55 -3.21
N LYS A 100 20.06 -15.68 -2.61
CA LYS A 100 19.26 -16.68 -3.29
C LYS A 100 17.88 -16.14 -3.71
N ILE A 101 17.27 -15.34 -2.83
CA ILE A 101 15.95 -14.79 -3.15
C ILE A 101 16.05 -13.75 -4.26
N HIS A 102 16.95 -12.79 -4.11
CA HIS A 102 17.10 -11.76 -5.12
C HIS A 102 17.43 -12.38 -6.48
N SER A 103 18.32 -13.36 -6.48
CA SER A 103 18.68 -14.03 -7.73
C SER A 103 17.47 -14.72 -8.36
N ALA A 104 16.68 -15.38 -7.53
CA ALA A 104 15.48 -16.08 -8.01
C ALA A 104 14.51 -15.06 -8.59
N MET A 105 14.46 -13.87 -8.00
CA MET A 105 13.56 -12.84 -8.51
C MET A 105 14.04 -12.33 -9.86
N GLN A 106 15.36 -12.30 -10.07
CA GLN A 106 15.88 -11.85 -11.36
C GLN A 106 15.57 -12.87 -12.45
N SER A 107 15.69 -14.15 -12.12
CA SER A 107 15.41 -15.20 -13.09
C SER A 107 13.90 -15.20 -13.41
N ALA A 108 13.09 -14.88 -12.40
CA ALA A 108 11.64 -14.83 -12.59
C ALA A 108 11.22 -13.75 -13.58
N VAL A 109 11.74 -12.52 -13.43
CA VAL A 109 11.35 -11.47 -14.36
C VAL A 109 11.95 -11.72 -15.74
N ALA A 110 13.09 -12.41 -15.78
CA ALA A 110 13.73 -12.72 -17.05
C ALA A 110 12.88 -13.71 -17.83
N ASP A 111 12.45 -14.77 -17.16
CA ASP A 111 11.65 -15.82 -17.80
C ASP A 111 10.15 -15.54 -17.91
N TYR A 112 9.59 -14.81 -16.96
CA TYR A 112 8.15 -14.55 -16.96
C TYR A 112 7.72 -13.10 -17.19
N GLY A 113 8.68 -12.20 -17.37
CA GLY A 113 8.33 -10.81 -17.59
C GLY A 113 7.46 -10.61 -18.83
N TYR A 114 7.64 -11.46 -19.84
CA TYR A 114 6.86 -11.31 -21.06
C TYR A 114 5.37 -11.49 -20.81
N LEU A 115 5.02 -12.13 -19.71
CA LEU A 115 3.61 -12.34 -19.38
C LEU A 115 2.91 -11.01 -19.07
N LEU A 116 3.70 -9.96 -18.86
CA LEU A 116 3.15 -8.64 -18.58
C LEU A 116 2.75 -7.89 -19.85
N ASP A 117 3.35 -8.25 -20.98
CA ASP A 117 3.03 -7.57 -22.23
C ASP A 117 1.60 -7.83 -22.64
N ASP A 118 0.79 -6.77 -22.61
CA ASP A 118 -0.63 -6.83 -22.89
C ASP A 118 -1.11 -6.22 -24.20
N GLY A 119 -0.19 -5.93 -25.12
CA GLY A 119 -0.62 -5.35 -26.38
C GLY A 119 -0.52 -3.83 -26.43
N THR A 120 0.05 -3.23 -25.38
CA THR A 120 0.23 -1.79 -25.36
C THR A 120 1.71 -1.51 -25.36
N GLY A 121 2.49 -2.44 -25.90
CA GLY A 121 3.93 -2.27 -25.95
C GLY A 121 4.66 -2.95 -24.80
N ARG A 122 5.97 -2.76 -24.75
CA ARG A 122 6.81 -3.32 -23.71
C ARG A 122 6.39 -2.77 -22.35
N VAL A 123 5.87 -3.62 -21.48
CA VAL A 123 5.41 -3.20 -20.15
C VAL A 123 6.53 -3.26 -19.11
N GLU A 124 6.80 -2.15 -18.44
CA GLU A 124 7.84 -2.11 -17.42
C GLU A 124 7.31 -2.58 -16.07
N VAL A 125 8.22 -2.89 -15.16
CA VAL A 125 7.83 -3.43 -13.88
C VAL A 125 8.80 -3.09 -12.74
N GLY A 126 8.25 -3.07 -11.53
CA GLY A 126 9.06 -2.80 -10.35
C GLY A 126 8.50 -3.57 -9.17
N ASN A 127 9.35 -4.24 -8.40
CA ASN A 127 8.91 -5.02 -7.24
C ASN A 127 9.90 -4.88 -6.09
N VAL A 128 9.39 -4.94 -4.86
CA VAL A 128 10.23 -4.86 -3.67
C VAL A 128 9.72 -5.85 -2.64
N LEU A 129 10.58 -6.75 -2.19
CA LEU A 129 10.22 -7.74 -1.18
C LEU A 129 10.80 -7.22 0.14
N MET A 130 9.94 -7.04 1.13
CA MET A 130 10.34 -6.47 2.42
C MET A 130 9.96 -7.31 3.63
N ASP A 131 10.85 -7.36 4.62
CA ASP A 131 10.59 -8.09 5.87
C ASP A 131 9.67 -7.20 6.69
N ASN A 132 8.51 -7.72 7.09
CA ASN A 132 7.56 -6.92 7.85
C ASN A 132 7.98 -6.49 9.25
N GLN A 133 8.84 -7.29 9.88
CA GLN A 133 9.30 -6.98 11.23
C GLN A 133 10.51 -6.04 11.31
N THR A 134 11.19 -5.80 10.19
CA THR A 134 12.38 -4.96 10.22
C THR A 134 12.45 -3.86 9.16
N GLY A 135 11.73 -4.03 8.06
CA GLY A 135 11.77 -3.04 7.00
C GLY A 135 12.91 -3.34 6.04
N ALA A 136 13.64 -4.42 6.31
CA ALA A 136 14.76 -4.82 5.46
C ALA A 136 14.27 -5.29 4.10
N ILE A 137 14.95 -4.89 3.04
CA ILE A 137 14.58 -5.29 1.68
C ILE A 137 15.41 -6.52 1.31
N LEU A 138 14.73 -7.66 1.16
CA LEU A 138 15.39 -8.91 0.85
C LEU A 138 15.73 -9.08 -0.63
N GLY A 139 14.97 -8.43 -1.48
CA GLY A 139 15.20 -8.53 -2.92
C GLY A 139 14.28 -7.60 -3.67
N PHE A 140 14.52 -7.41 -4.95
CA PHE A 140 13.69 -6.52 -5.73
C PHE A 140 13.88 -6.74 -7.22
N VAL A 141 12.98 -6.16 -8.00
CA VAL A 141 13.05 -6.23 -9.45
C VAL A 141 13.06 -4.77 -9.91
N GLY A 142 14.11 -4.38 -10.62
CA GLY A 142 14.21 -2.99 -11.07
C GLY A 142 13.57 -2.71 -12.41
N GLY A 143 13.39 -3.76 -13.20
CA GLY A 143 12.79 -3.59 -14.51
C GLY A 143 12.88 -4.87 -15.32
N ARG A 144 12.41 -4.81 -16.56
CA ARG A 144 12.42 -5.98 -17.44
C ARG A 144 13.83 -6.44 -17.82
N ASN A 145 14.74 -5.49 -18.04
CA ASN A 145 16.11 -5.83 -18.45
C ASN A 145 17.00 -4.60 -18.37
N TYR A 146 17.90 -4.60 -17.39
CA TYR A 146 18.80 -3.46 -17.20
C TYR A 146 19.56 -3.05 -18.45
N GLN A 147 20.04 -4.03 -19.21
CA GLN A 147 20.79 -3.76 -20.44
C GLN A 147 19.99 -3.00 -21.50
N GLU A 148 18.67 -3.10 -21.44
CA GLU A 148 17.81 -2.42 -22.40
C GLU A 148 17.19 -1.15 -21.84
N ASN A 149 17.05 -1.07 -20.53
CA ASN A 149 16.47 0.10 -19.86
C ASN A 149 17.02 0.13 -18.44
N GLN A 150 17.84 1.14 -18.13
CA GLN A 150 18.45 1.23 -16.81
C GLN A 150 17.57 1.87 -15.72
N ASN A 151 16.43 2.43 -16.11
CA ASN A 151 15.54 3.05 -15.12
C ASN A 151 15.22 2.03 -14.03
N ASN A 152 15.45 2.39 -12.77
CA ASN A 152 15.17 1.49 -11.65
C ASN A 152 13.74 1.75 -11.16
N HIS A 153 12.82 0.88 -11.55
CA HIS A 153 11.42 1.02 -11.19
C HIS A 153 11.08 0.57 -9.78
N ALA A 154 12.08 0.15 -9.01
CA ALA A 154 11.81 -0.28 -7.65
C ALA A 154 12.21 0.79 -6.63
N PHE A 155 13.31 1.49 -6.91
CA PHE A 155 13.84 2.51 -6.00
C PHE A 155 13.80 3.96 -6.45
N ASP A 156 13.83 4.20 -7.76
CA ASP A 156 13.89 5.57 -8.24
C ASP A 156 12.63 6.21 -8.84
N THR A 157 11.93 5.49 -9.70
CA THR A 157 10.74 6.04 -10.33
C THR A 157 9.56 6.24 -9.38
N LYS A 158 8.93 7.41 -9.46
CA LYS A 158 7.79 7.71 -8.62
C LYS A 158 6.52 7.75 -9.46
N ARG A 159 5.53 6.97 -9.05
CA ARG A 159 4.26 6.86 -9.76
C ARG A 159 3.09 6.96 -8.81
N SER A 160 1.93 7.29 -9.35
CA SER A 160 0.73 7.38 -8.53
C SER A 160 0.42 5.98 -8.00
N PRO A 161 0.10 5.87 -6.70
CA PRO A 161 -0.22 4.58 -6.06
C PRO A 161 -1.63 4.14 -6.46
N ALA A 162 -2.37 5.04 -7.11
CA ALA A 162 -3.72 4.75 -7.56
C ALA A 162 -4.61 4.30 -6.39
N SER A 163 -5.48 3.33 -6.63
CA SER A 163 -6.39 2.86 -5.59
C SER A 163 -5.76 2.14 -4.40
N THR A 164 -4.45 1.87 -4.43
CA THR A 164 -3.83 1.22 -3.28
C THR A 164 -3.64 2.26 -2.17
N THR A 165 -4.00 3.50 -2.47
CA THR A 165 -3.91 4.59 -1.51
C THR A 165 -5.02 4.46 -0.46
N LYS A 166 -6.15 3.94 -0.89
CA LYS A 166 -7.34 3.83 -0.03
C LYS A 166 -7.20 3.21 1.36
N PRO A 167 -6.64 1.99 1.48
CA PRO A 167 -6.52 1.40 2.81
C PRO A 167 -5.73 2.26 3.81
N LEU A 168 -4.70 2.92 3.32
CA LEU A 168 -3.81 3.75 4.16
C LEU A 168 -4.29 5.15 4.48
N LEU A 169 -4.71 5.89 3.46
CA LEU A 169 -5.12 7.27 3.62
C LEU A 169 -6.60 7.49 3.99
N ALA A 170 -7.46 6.57 3.58
CA ALA A 170 -8.88 6.74 3.84
C ALA A 170 -9.47 5.80 4.88
N TYR A 171 -9.72 4.55 4.49
CA TYR A 171 -10.34 3.59 5.39
C TYR A 171 -9.56 3.28 6.65
N GLY A 172 -8.24 3.12 6.53
CA GLY A 172 -7.43 2.82 7.69
C GLY A 172 -7.50 3.90 8.74
N ILE A 173 -7.38 5.15 8.31
CA ILE A 173 -7.43 6.27 9.25
C ILE A 173 -8.82 6.46 9.84
N ALA A 174 -9.85 6.28 9.02
CA ALA A 174 -11.23 6.44 9.51
C ALA A 174 -11.51 5.40 10.59
N ILE A 175 -11.03 4.17 10.38
CA ILE A 175 -11.23 3.11 11.35
C ILE A 175 -10.44 3.45 12.62
N ASP A 176 -9.22 3.93 12.45
CA ASP A 176 -8.35 4.26 13.57
C ASP A 176 -8.93 5.39 14.43
N GLN A 177 -9.68 6.29 13.78
CA GLN A 177 -10.29 7.42 14.47
C GLN A 177 -11.64 7.07 15.06
N GLY A 178 -12.08 5.83 14.84
CA GLY A 178 -13.38 5.40 15.35
C GLY A 178 -14.54 5.98 14.57
N LEU A 179 -14.30 6.31 13.30
CA LEU A 179 -15.33 6.88 12.44
C LEU A 179 -16.04 5.82 11.60
N MET A 180 -15.55 4.58 11.64
CA MET A 180 -16.18 3.49 10.90
C MET A 180 -15.67 2.14 11.36
N GLY A 181 -16.44 1.10 11.05
CA GLY A 181 -16.08 -0.26 11.42
C GLY A 181 -16.01 -1.13 10.18
N SER A 182 -15.68 -2.41 10.36
CA SER A 182 -15.55 -3.33 9.23
C SER A 182 -16.81 -3.52 8.39
N GLU A 183 -17.99 -3.38 8.99
CA GLU A 183 -19.22 -3.55 8.24
C GLU A 183 -20.02 -2.25 8.07
N THR A 184 -19.35 -1.12 8.24
CA THR A 184 -19.99 0.18 8.07
C THR A 184 -20.44 0.34 6.62
N ILE A 185 -21.51 1.09 6.41
CA ILE A 185 -22.04 1.31 5.07
C ILE A 185 -21.55 2.63 4.47
N LEU A 186 -21.23 2.61 3.19
CA LEU A 186 -20.77 3.81 2.49
C LEU A 186 -21.58 4.01 1.22
N SER A 187 -21.69 5.26 0.79
CA SER A 187 -22.45 5.57 -0.42
C SER A 187 -21.62 5.45 -1.69
N ASN A 188 -22.16 4.73 -2.68
CA ASN A 188 -21.51 4.60 -3.98
C ASN A 188 -22.48 5.20 -4.98
N TYR A 189 -23.43 5.97 -4.47
CA TYR A 189 -24.41 6.64 -5.32
C TYR A 189 -23.68 7.66 -6.19
N PRO A 190 -24.15 7.88 -7.42
CA PRO A 190 -23.47 8.86 -8.27
C PRO A 190 -23.31 10.20 -7.58
N THR A 191 -22.17 10.87 -7.84
CA THR A 191 -21.89 12.18 -7.28
C THR A 191 -20.79 12.80 -8.13
N ASN A 192 -20.67 14.12 -8.09
CA ASN A 192 -19.67 14.79 -8.91
C ASN A 192 -18.60 15.49 -8.11
N PHE A 193 -17.46 15.75 -8.75
CA PHE A 193 -16.40 16.49 -8.12
C PHE A 193 -16.93 17.91 -8.06
N ALA A 194 -16.20 18.81 -7.40
CA ALA A 194 -16.62 20.20 -7.26
C ALA A 194 -16.86 20.91 -8.60
N ASN A 195 -16.15 20.48 -9.64
CA ASN A 195 -16.28 21.12 -10.95
C ASN A 195 -17.41 20.54 -11.80
N GLY A 196 -18.23 19.67 -11.21
CA GLY A 196 -19.34 19.09 -11.94
C GLY A 196 -19.07 17.78 -12.65
N ASN A 197 -17.80 17.41 -12.80
CA ASN A 197 -17.48 16.15 -13.47
C ASN A 197 -17.82 14.99 -12.54
N PRO A 198 -18.48 13.95 -13.08
CA PRO A 198 -18.85 12.80 -12.26
C PRO A 198 -17.65 11.96 -11.84
N ILE A 199 -17.73 11.39 -10.64
CA ILE A 199 -16.66 10.53 -10.15
C ILE A 199 -16.97 9.18 -10.77
N MET A 200 -16.04 8.69 -11.59
CA MET A 200 -16.22 7.43 -12.31
C MET A 200 -15.44 6.23 -11.79
N TYR A 201 -15.90 5.05 -12.21
CA TYR A 201 -15.29 3.76 -11.90
C TYR A 201 -15.46 3.06 -13.24
N ALA A 202 -14.44 3.13 -14.09
CA ALA A 202 -14.52 2.57 -15.43
C ALA A 202 -15.62 3.38 -16.10
N ASN A 203 -16.61 2.72 -16.69
CA ASN A 203 -17.69 3.45 -17.34
C ASN A 203 -18.92 3.59 -16.44
N SER A 204 -18.77 3.24 -15.16
CA SER A 204 -19.87 3.33 -14.23
C SER A 204 -19.87 4.61 -13.41
N LYS A 205 -21.05 5.23 -13.27
CA LYS A 205 -21.20 6.45 -12.50
C LYS A 205 -21.54 6.12 -11.05
N GLY A 206 -21.67 4.83 -10.75
CA GLY A 206 -21.97 4.43 -9.38
C GLY A 206 -23.19 3.54 -9.25
N THR A 207 -23.48 3.12 -8.03
CA THR A 207 -24.63 2.27 -7.76
C THR A 207 -25.40 2.81 -6.56
N GLY A 208 -25.23 2.19 -5.40
CA GLY A 208 -25.93 2.66 -4.22
C GLY A 208 -25.11 2.45 -2.95
N MET A 209 -25.78 2.13 -1.86
CA MET A 209 -25.11 1.88 -0.59
C MET A 209 -24.40 0.54 -0.65
N MET A 210 -23.28 0.42 0.07
CA MET A 210 -22.53 -0.83 0.12
C MET A 210 -21.66 -0.87 1.36
N THR A 211 -21.29 -2.08 1.76
CA THR A 211 -20.44 -2.28 2.93
C THR A 211 -19.00 -1.89 2.57
N LEU A 212 -18.18 -1.67 3.59
CA LEU A 212 -16.78 -1.34 3.39
C LEU A 212 -16.14 -2.51 2.64
N GLY A 213 -16.57 -3.72 2.97
CA GLY A 213 -16.04 -4.90 2.32
C GLY A 213 -16.20 -4.86 0.81
N GLU A 214 -17.43 -4.56 0.36
CA GLU A 214 -17.70 -4.49 -1.07
C GLU A 214 -16.92 -3.33 -1.70
N ALA A 215 -16.86 -2.20 -1.00
CA ALA A 215 -16.14 -1.04 -1.51
C ALA A 215 -14.68 -1.38 -1.76
N LEU A 216 -14.07 -2.13 -0.84
CA LEU A 216 -12.67 -2.51 -0.97
C LEU A 216 -12.45 -3.62 -1.99
N ASN A 217 -13.32 -4.62 -2.00
CA ASN A 217 -13.18 -5.72 -2.94
C ASN A 217 -13.20 -5.23 -4.39
N TYR A 218 -14.12 -4.34 -4.69
CA TYR A 218 -14.25 -3.77 -6.05
C TYR A 218 -13.39 -2.54 -6.25
N SER A 219 -13.04 -1.90 -5.14
CA SER A 219 -12.25 -0.67 -5.16
C SER A 219 -13.08 0.45 -5.79
N TRP A 220 -14.34 0.55 -5.41
CA TRP A 220 -15.21 1.61 -5.92
C TRP A 220 -14.56 2.93 -5.48
N ASN A 221 -14.69 3.98 -6.30
CA ASN A 221 -14.06 5.25 -5.99
C ASN A 221 -14.86 6.22 -5.13
N ILE A 222 -16.16 6.32 -5.39
CA ILE A 222 -17.01 7.25 -4.63
C ILE A 222 -16.96 7.03 -3.12
N PRO A 223 -16.98 5.77 -2.67
CA PRO A 223 -16.92 5.56 -1.21
C PRO A 223 -15.61 6.08 -0.62
N ALA A 224 -14.52 6.00 -1.39
CA ALA A 224 -13.22 6.46 -0.94
C ALA A 224 -13.23 7.98 -0.86
N TYR A 225 -13.85 8.60 -1.86
CA TYR A 225 -13.98 10.05 -1.93
C TYR A 225 -14.71 10.57 -0.69
N TRP A 226 -15.85 9.98 -0.37
CA TRP A 226 -16.63 10.39 0.79
C TRP A 226 -15.88 10.18 2.10
N THR A 227 -15.15 9.07 2.19
CA THR A 227 -14.40 8.78 3.40
C THR A 227 -13.34 9.84 3.68
N TYR A 228 -12.61 10.25 2.65
CA TYR A 228 -11.58 11.26 2.84
C TYR A 228 -12.25 12.59 3.16
N ARG A 229 -13.40 12.83 2.54
CA ARG A 229 -14.13 14.06 2.78
C ARG A 229 -14.51 14.12 4.27
N MET A 230 -14.92 12.97 4.81
CA MET A 230 -15.31 12.87 6.21
C MET A 230 -14.12 13.17 7.12
N LEU A 231 -12.96 12.63 6.78
CA LEU A 231 -11.77 12.87 7.59
C LEU A 231 -11.45 14.35 7.64
N ARG A 232 -11.52 15.03 6.50
CA ARG A 232 -11.22 16.46 6.50
C ARG A 232 -12.27 17.24 7.26
N GLU A 233 -13.53 16.81 7.18
CA GLU A 233 -14.60 17.49 7.90
C GLU A 233 -14.36 17.36 9.41
N ASN A 234 -13.83 16.22 9.83
CA ASN A 234 -13.55 15.99 11.25
C ASN A 234 -12.19 16.55 11.64
N GLY A 235 -11.49 17.16 10.70
CA GLY A 235 -10.19 17.73 10.97
C GLY A 235 -9.11 16.73 11.37
N VAL A 236 -9.17 15.52 10.83
CA VAL A 236 -8.18 14.50 11.17
C VAL A 236 -6.82 14.87 10.59
N ASP A 237 -5.77 14.65 11.36
CA ASP A 237 -4.41 14.95 10.91
C ASP A 237 -3.90 13.82 10.03
N VAL A 238 -4.44 13.74 8.82
CA VAL A 238 -4.06 12.71 7.85
C VAL A 238 -2.58 12.78 7.52
N LYS A 239 -2.07 14.01 7.36
CA LYS A 239 -0.65 14.21 7.06
C LYS A 239 0.22 13.55 8.12
N GLY A 240 -0.21 13.61 9.37
CA GLY A 240 0.54 13.02 10.46
C GLY A 240 0.76 11.53 10.27
N TYR A 241 -0.30 10.82 9.90
CA TYR A 241 -0.24 9.38 9.66
C TYR A 241 0.72 9.04 8.52
N MET A 242 0.51 9.70 7.39
CA MET A 242 1.33 9.42 6.21
C MET A 242 2.80 9.75 6.41
N GLU A 243 3.11 10.87 7.07
CA GLU A 243 4.50 11.23 7.30
C GLU A 243 5.21 10.27 8.22
N LYS A 244 4.47 9.62 9.12
CA LYS A 244 5.06 8.66 10.03
C LYS A 244 5.54 7.44 9.25
N MET A 245 4.99 7.25 8.05
CA MET A 245 5.38 6.13 7.20
C MET A 245 6.35 6.55 6.11
N GLY A 246 6.76 7.81 6.14
CA GLY A 246 7.71 8.32 5.17
C GLY A 246 7.14 8.86 3.87
N TYR A 247 5.83 9.02 3.80
CA TYR A 247 5.22 9.55 2.58
C TYR A 247 5.37 11.06 2.50
N GLU A 248 5.68 11.54 1.30
CA GLU A 248 5.83 12.97 1.05
C GLU A 248 4.75 13.39 0.06
N ILE A 249 3.68 13.98 0.56
CA ILE A 249 2.56 14.45 -0.25
C ILE A 249 2.54 15.97 -0.07
N PRO A 250 2.72 16.73 -1.15
CA PRO A 250 2.73 18.21 -1.08
C PRO A 250 1.41 18.92 -0.81
N GLU A 251 0.29 18.33 -1.21
CA GLU A 251 -1.00 18.96 -1.01
C GLU A 251 -2.07 17.94 -0.64
N TYR A 252 -2.67 18.10 0.53
CA TYR A 252 -3.69 17.18 0.99
C TYR A 252 -5.10 17.64 0.62
N GLY A 253 -5.22 18.90 0.18
CA GLY A 253 -6.51 19.43 -0.21
C GLY A 253 -6.85 19.08 -1.64
N ILE A 254 -7.03 17.80 -1.90
CA ILE A 254 -7.34 17.30 -3.24
C ILE A 254 -8.45 16.25 -3.16
N GLU A 255 -9.52 16.47 -3.92
CA GLU A 255 -10.67 15.56 -3.93
C GLU A 255 -10.35 14.11 -4.27
N SER A 256 -9.43 13.91 -5.21
CA SER A 256 -9.06 12.57 -5.65
C SER A 256 -7.86 11.97 -4.91
N LEU A 257 -7.45 12.59 -3.81
CA LEU A 257 -6.31 12.09 -3.06
C LEU A 257 -6.45 10.60 -2.71
N PRO A 258 -7.64 10.16 -2.27
CA PRO A 258 -7.85 8.75 -1.91
C PRO A 258 -7.66 7.81 -3.08
N MET A 259 -7.80 8.33 -4.30
CA MET A 259 -7.61 7.53 -5.50
C MET A 259 -6.21 7.67 -6.05
N GLY A 260 -5.30 8.23 -5.25
CA GLY A 260 -3.93 8.39 -5.68
C GLY A 260 -3.65 9.69 -6.42
N GLY A 261 -4.63 10.58 -6.49
CA GLY A 261 -4.42 11.83 -7.19
C GLY A 261 -3.54 12.76 -6.37
N GLY A 262 -2.49 13.30 -6.99
CA GLY A 262 -1.60 14.20 -6.29
C GLY A 262 -0.54 13.50 -5.47
N ILE A 263 -0.41 12.20 -5.65
CA ILE A 263 0.59 11.40 -4.92
C ILE A 263 1.47 10.65 -5.91
N GLU A 264 2.77 10.63 -5.64
CA GLU A 264 3.73 9.92 -6.48
C GLU A 264 4.73 9.26 -5.54
N VAL A 265 4.86 7.95 -5.63
CA VAL A 265 5.77 7.22 -4.76
C VAL A 265 6.55 6.12 -5.46
N THR A 266 7.68 5.74 -4.86
CA THR A 266 8.48 4.66 -5.40
C THR A 266 7.87 3.37 -4.89
N VAL A 267 8.19 2.26 -5.52
CA VAL A 267 7.64 0.98 -5.09
C VAL A 267 8.19 0.67 -3.69
N ALA A 268 9.47 0.98 -3.46
CA ALA A 268 10.09 0.72 -2.15
C ALA A 268 9.32 1.44 -1.03
N GLN A 269 9.04 2.72 -1.23
CA GLN A 269 8.33 3.51 -0.23
C GLN A 269 6.90 3.02 -0.01
N HIS A 270 6.19 2.70 -1.09
CA HIS A 270 4.82 2.27 -0.93
C HIS A 270 4.74 0.89 -0.27
N THR A 271 5.73 0.05 -0.55
CA THR A 271 5.76 -1.27 0.05
C THR A 271 5.88 -1.09 1.56
N ASN A 272 6.58 -0.03 1.97
CA ASN A 272 6.76 0.25 3.39
C ASN A 272 5.42 0.60 4.05
N GLY A 273 4.53 1.20 3.27
CA GLY A 273 3.21 1.53 3.79
C GLY A 273 2.44 0.26 4.11
N TYR A 274 2.46 -0.70 3.20
CA TYR A 274 1.75 -1.95 3.42
C TYR A 274 2.46 -2.78 4.48
N GLN A 275 3.77 -2.58 4.64
CA GLN A 275 4.53 -3.28 5.67
C GLN A 275 3.94 -2.87 7.01
N THR A 276 3.59 -1.60 7.13
CA THR A 276 3.03 -1.06 8.36
C THR A 276 1.69 -1.70 8.72
N LEU A 277 0.81 -1.86 7.75
CA LEU A 277 -0.49 -2.49 8.00
C LEU A 277 -0.30 -3.97 8.34
N ALA A 278 0.62 -4.62 7.65
CA ALA A 278 0.88 -6.04 7.87
C ALA A 278 1.52 -6.31 9.23
N ASN A 279 2.40 -5.41 9.65
CA ASN A 279 3.09 -5.57 10.94
C ASN A 279 2.26 -5.02 12.09
N ASN A 280 0.97 -5.29 12.05
CA ASN A 280 0.02 -4.86 13.07
C ASN A 280 0.06 -3.37 13.43
N GLY A 281 0.31 -2.53 12.43
CA GLY A 281 0.34 -1.09 12.65
C GLY A 281 1.68 -0.47 12.99
N VAL A 282 2.70 -1.28 13.20
CA VAL A 282 4.01 -0.76 13.53
C VAL A 282 4.93 -0.62 12.32
N TYR A 283 5.33 0.62 12.05
CA TYR A 283 6.20 0.97 10.94
C TYR A 283 7.67 0.74 11.27
N HIS A 284 8.41 0.24 10.29
CA HIS A 284 9.85 0.02 10.40
C HIS A 284 10.37 0.59 9.09
N GLN A 285 11.27 1.56 9.17
CA GLN A 285 11.80 2.18 7.97
C GLN A 285 12.54 1.24 7.02
N LYS A 286 12.18 1.31 5.74
CA LYS A 286 12.81 0.49 4.71
C LYS A 286 14.30 0.79 4.63
N HIS A 287 15.09 -0.21 4.25
CA HIS A 287 16.52 -0.03 4.09
C HIS A 287 17.13 -1.20 3.34
N VAL A 288 18.20 -0.93 2.60
CA VAL A 288 18.89 -1.97 1.87
C VAL A 288 20.31 -2.08 2.42
N ILE A 289 20.77 -0.99 3.04
CA ILE A 289 22.11 -0.96 3.65
C ILE A 289 21.92 -1.07 5.16
N SER A 290 22.50 -2.08 5.78
CA SER A 290 22.36 -2.22 7.23
C SER A 290 23.58 -1.67 7.96
N LYS A 291 24.74 -1.71 7.32
CA LYS A 291 25.95 -1.21 7.96
C LYS A 291 27.12 -1.03 7.00
N ILE A 292 27.99 -0.09 7.33
CA ILE A 292 29.19 0.17 6.54
C ILE A 292 30.34 0.27 7.55
N GLU A 293 31.39 -0.51 7.32
CA GLU A 293 32.53 -0.51 8.21
C GLU A 293 33.82 -0.29 7.45
N ALA A 294 34.75 0.43 8.06
CA ALA A 294 36.04 0.66 7.44
C ALA A 294 36.76 -0.67 7.53
N ALA A 295 37.84 -0.82 6.77
CA ALA A 295 38.60 -2.07 6.78
C ALA A 295 39.08 -2.47 8.17
N ASP A 296 39.29 -1.50 9.05
CA ASP A 296 39.75 -1.80 10.41
C ASP A 296 38.66 -1.97 11.44
N GLY A 297 37.40 -1.96 11.01
CA GLY A 297 36.30 -2.16 11.95
C GLY A 297 35.53 -0.92 12.36
N ARG A 298 36.05 0.26 12.10
CA ARG A 298 35.33 1.48 12.46
C ARG A 298 33.98 1.50 11.76
N VAL A 299 32.92 1.73 12.53
CA VAL A 299 31.58 1.77 11.96
C VAL A 299 31.29 3.14 11.34
N VAL A 300 31.21 3.19 10.02
CA VAL A 300 30.93 4.41 9.29
C VAL A 300 29.45 4.74 9.38
N TYR A 301 28.62 3.70 9.34
CA TYR A 301 27.18 3.84 9.43
C TYR A 301 26.53 2.52 9.79
N GLU A 302 25.41 2.60 10.50
CA GLU A 302 24.67 1.41 10.88
C GLU A 302 23.20 1.77 11.07
N TYR A 303 22.32 1.01 10.42
CA TYR A 303 20.89 1.24 10.51
C TYR A 303 20.40 1.16 11.94
N GLN A 304 19.57 2.12 12.33
CA GLN A 304 19.00 2.16 13.67
C GLN A 304 17.48 2.06 13.54
N ASP A 305 16.91 1.01 14.14
CA ASP A 305 15.46 0.81 14.07
C ASP A 305 14.73 1.85 14.92
N LYS A 306 13.67 2.42 14.34
CA LYS A 306 12.87 3.42 15.03
C LYS A 306 11.39 3.08 14.76
N PRO A 307 10.89 2.01 15.41
CA PRO A 307 9.50 1.60 15.22
C PRO A 307 8.50 2.66 15.67
N VAL A 308 7.39 2.74 14.96
CA VAL A 308 6.34 3.70 15.26
C VAL A 308 4.97 3.06 15.05
N GLN A 309 4.12 3.13 16.08
CA GLN A 309 2.77 2.58 15.98
C GLN A 309 1.94 3.60 15.20
N VAL A 310 1.89 3.46 13.89
CA VAL A 310 1.15 4.39 13.04
C VAL A 310 -0.36 4.21 13.23
N TYR A 311 -0.81 2.96 13.17
CA TYR A 311 -2.22 2.65 13.38
C TYR A 311 -2.27 1.78 14.62
N SER A 312 -3.42 1.76 15.30
CA SER A 312 -3.55 0.92 16.49
C SER A 312 -3.58 -0.53 16.00
N LYS A 313 -3.23 -1.47 16.88
CA LYS A 313 -3.24 -2.88 16.48
C LYS A 313 -4.65 -3.28 16.09
N ALA A 314 -5.64 -2.65 16.72
CA ALA A 314 -7.03 -2.94 16.42
C ALA A 314 -7.32 -2.59 14.96
N THR A 315 -6.91 -1.39 14.56
CA THR A 315 -7.15 -0.92 13.20
C THR A 315 -6.41 -1.78 12.18
N ALA A 316 -5.13 -2.02 12.43
CA ALA A 316 -4.32 -2.81 11.52
C ALA A 316 -4.85 -4.22 11.30
N THR A 317 -5.22 -4.90 12.38
CA THR A 317 -5.72 -6.26 12.24
C THR A 317 -7.09 -6.32 11.58
N ILE A 318 -7.89 -5.26 11.75
CA ILE A 318 -9.21 -5.21 11.12
C ILE A 318 -8.98 -5.05 9.62
N MET A 319 -8.04 -4.19 9.25
CA MET A 319 -7.72 -3.95 7.85
C MET A 319 -7.18 -5.23 7.20
N GLN A 320 -6.37 -5.99 7.95
CA GLN A 320 -5.81 -7.24 7.43
C GLN A 320 -6.97 -8.17 6.99
N GLY A 321 -8.01 -8.23 7.81
CA GLY A 321 -9.15 -9.08 7.50
C GLY A 321 -9.88 -8.62 6.25
N LEU A 322 -9.96 -7.31 6.06
CA LEU A 322 -10.63 -6.77 4.90
C LEU A 322 -9.78 -7.02 3.66
N LEU A 323 -8.46 -6.86 3.80
CA LEU A 323 -7.56 -7.08 2.67
C LEU A 323 -7.43 -8.55 2.30
N ARG A 324 -7.72 -9.43 3.25
CA ARG A 324 -7.67 -10.86 2.97
C ARG A 324 -8.77 -11.15 1.93
N GLU A 325 -9.94 -10.54 2.14
CA GLU A 325 -11.08 -10.74 1.25
C GLU A 325 -10.90 -10.05 -0.11
N VAL A 326 -10.12 -8.98 -0.16
CA VAL A 326 -9.88 -8.31 -1.43
C VAL A 326 -9.28 -9.34 -2.39
N LEU A 327 -8.35 -10.15 -1.90
CA LEU A 327 -7.72 -11.17 -2.75
C LEU A 327 -8.62 -12.38 -2.97
N SER A 328 -9.26 -12.86 -1.90
CA SER A 328 -10.14 -14.02 -1.99
C SER A 328 -11.33 -13.82 -2.92
N SER A 329 -11.87 -12.60 -2.93
CA SER A 329 -13.03 -12.29 -3.77
C SER A 329 -12.68 -12.36 -5.25
N ARG A 330 -11.40 -12.18 -5.55
CA ARG A 330 -10.89 -12.22 -6.92
C ARG A 330 -11.60 -11.22 -7.84
N VAL A 331 -12.17 -10.17 -7.27
CA VAL A 331 -12.87 -9.17 -8.07
C VAL A 331 -11.94 -8.32 -8.94
N THR A 332 -10.86 -7.81 -8.35
CA THR A 332 -9.92 -6.96 -9.09
C THR A 332 -8.57 -7.62 -9.37
N THR A 333 -8.44 -8.90 -9.02
CA THR A 333 -7.19 -9.62 -9.26
C THR A 333 -7.39 -11.13 -9.26
N THR A 334 -6.74 -11.81 -10.20
CA THR A 334 -6.84 -13.26 -10.30
C THR A 334 -5.72 -13.93 -9.50
N PHE A 335 -4.94 -13.13 -8.79
CA PHE A 335 -3.81 -13.64 -8.01
C PHE A 335 -4.00 -14.96 -7.27
N LYS A 336 -5.03 -15.06 -6.44
CA LYS A 336 -5.26 -16.29 -5.68
C LYS A 336 -5.43 -17.51 -6.57
N SER A 337 -6.10 -17.32 -7.71
CA SER A 337 -6.31 -18.41 -8.65
C SER A 337 -4.97 -18.79 -9.29
N ASN A 338 -4.21 -17.79 -9.71
CA ASN A 338 -2.93 -18.03 -10.34
C ASN A 338 -1.99 -18.79 -9.41
N LEU A 339 -1.86 -18.31 -8.18
CA LEU A 339 -0.97 -18.94 -7.22
C LEU A 339 -1.42 -20.33 -6.80
N THR A 340 -2.73 -20.53 -6.67
CA THR A 340 -3.23 -21.85 -6.27
C THR A 340 -2.76 -22.92 -7.26
N SER A 341 -2.82 -22.60 -8.54
CA SER A 341 -2.40 -23.55 -9.56
C SER A 341 -0.89 -23.77 -9.57
N LEU A 342 -0.13 -22.72 -9.30
CA LEU A 342 1.32 -22.82 -9.31
C LEU A 342 1.92 -23.47 -8.07
N ASN A 343 1.28 -23.25 -6.92
CA ASN A 343 1.82 -23.74 -5.65
C ASN A 343 0.68 -23.68 -4.64
N PRO A 344 -0.22 -24.68 -4.66
CA PRO A 344 -1.37 -24.73 -3.75
C PRO A 344 -1.06 -24.60 -2.27
N THR A 345 0.05 -25.19 -1.84
CA THR A 345 0.41 -25.10 -0.42
C THR A 345 0.80 -23.67 -0.05
N LEU A 346 1.49 -22.96 -0.95
CA LEU A 346 1.88 -21.59 -0.67
C LEU A 346 0.64 -20.68 -0.72
N ALA A 347 -0.30 -21.03 -1.60
CA ALA A 347 -1.52 -20.24 -1.73
C ALA A 347 -2.36 -20.37 -0.46
N ASN A 348 -2.10 -21.41 0.33
CA ASN A 348 -2.83 -21.61 1.58
C ASN A 348 -2.29 -20.73 2.69
N ALA A 349 -1.17 -20.07 2.45
CA ALA A 349 -0.59 -19.16 3.45
C ALA A 349 -1.60 -18.03 3.61
N ASP A 350 -1.47 -17.23 4.66
CA ASP A 350 -2.44 -16.15 4.88
C ASP A 350 -2.18 -14.87 4.10
N TRP A 351 -2.49 -14.90 2.81
CA TRP A 351 -2.30 -13.77 1.92
C TRP A 351 -3.37 -12.67 2.03
N ILE A 352 -2.91 -11.42 2.05
CA ILE A 352 -3.79 -10.26 2.07
C ILE A 352 -3.19 -9.29 1.06
N GLY A 353 -3.99 -8.38 0.53
CA GLY A 353 -3.43 -7.43 -0.43
C GLY A 353 -4.42 -6.44 -0.98
N LYS A 354 -3.96 -5.60 -1.89
CA LYS A 354 -4.81 -4.60 -2.51
C LYS A 354 -4.27 -4.26 -3.88
N THR A 355 -5.17 -4.09 -4.84
CA THR A 355 -4.80 -3.73 -6.19
C THR A 355 -4.89 -2.23 -6.32
N GLY A 356 -4.24 -1.69 -7.35
CA GLY A 356 -4.28 -0.26 -7.56
C GLY A 356 -4.48 0.04 -9.02
N THR A 357 -5.45 0.91 -9.32
CA THR A 357 -5.71 1.33 -10.68
C THR A 357 -6.54 2.61 -10.62
N THR A 358 -6.64 3.30 -11.74
CA THR A 358 -7.45 4.51 -11.85
C THR A 358 -8.05 4.49 -13.24
N ASN A 359 -8.95 5.41 -13.51
CA ASN A 359 -9.60 5.51 -14.81
C ASN A 359 -8.58 5.80 -15.92
N GLN A 360 -7.40 6.26 -15.54
CA GLN A 360 -6.35 6.59 -16.51
C GLN A 360 -5.62 5.37 -17.07
N ASP A 361 -5.64 4.26 -16.33
CA ASP A 361 -4.98 3.02 -16.73
C ASP A 361 -3.49 3.20 -17.02
N GLU A 362 -2.83 4.13 -16.32
CA GLU A 362 -1.41 4.35 -16.55
C GLU A 362 -0.53 3.61 -15.54
N ASN A 363 -1.12 3.21 -14.43
CA ASN A 363 -0.39 2.51 -13.39
C ASN A 363 -1.22 1.39 -12.79
N MET A 364 -0.65 0.18 -12.73
CA MET A 364 -1.35 -0.96 -12.13
C MET A 364 -0.48 -1.42 -10.99
N TRP A 365 -1.08 -1.62 -9.83
CA TRP A 365 -0.36 -2.09 -8.64
C TRP A 365 -1.02 -3.30 -8.01
N LEU A 366 -0.22 -4.08 -7.30
CA LEU A 366 -0.71 -5.22 -6.53
C LEU A 366 0.25 -5.32 -5.36
N MET A 367 -0.27 -5.09 -4.15
CA MET A 367 0.51 -5.16 -2.92
C MET A 367 0.07 -6.44 -2.22
N LEU A 368 1.04 -7.27 -1.83
CA LEU A 368 0.76 -8.55 -1.19
C LEU A 368 1.53 -8.69 0.12
N SER A 369 0.91 -9.33 1.10
CA SER A 369 1.55 -9.54 2.40
C SER A 369 1.11 -10.83 3.10
N THR A 370 2.04 -11.44 3.83
CA THR A 370 1.75 -12.58 4.68
C THR A 370 2.24 -11.96 5.97
N PRO A 371 2.01 -12.60 7.13
CA PRO A 371 2.52 -11.94 8.34
C PRO A 371 4.01 -11.58 8.30
N ARG A 372 4.83 -12.43 7.67
CA ARG A 372 6.27 -12.19 7.61
C ARG A 372 6.78 -11.21 6.56
N LEU A 373 6.20 -11.24 5.36
CA LEU A 373 6.69 -10.38 4.28
C LEU A 373 5.64 -9.60 3.52
N THR A 374 6.10 -8.55 2.83
CA THR A 374 5.25 -7.75 1.97
C THR A 374 5.98 -7.62 0.65
N LEU A 375 5.26 -7.83 -0.45
CA LEU A 375 5.85 -7.72 -1.79
C LEU A 375 5.02 -6.69 -2.54
N GLY A 376 5.66 -5.57 -2.90
CA GLY A 376 4.96 -4.54 -3.64
C GLY A 376 5.23 -4.71 -5.12
N GLY A 377 4.26 -4.37 -5.95
CA GLY A 377 4.45 -4.50 -7.37
C GLY A 377 3.73 -3.44 -8.18
N TRP A 378 4.44 -2.89 -9.17
CA TRP A 378 3.92 -1.87 -10.06
C TRP A 378 4.26 -2.25 -11.49
N ILE A 379 3.36 -1.91 -12.43
CA ILE A 379 3.64 -2.12 -13.84
C ILE A 379 3.09 -0.90 -14.54
N GLY A 380 3.68 -0.58 -15.69
CA GLY A 380 3.24 0.57 -16.45
C GLY A 380 4.25 0.90 -17.52
N HIS A 381 4.11 2.05 -18.16
CA HIS A 381 5.04 2.46 -19.19
C HIS A 381 5.83 3.68 -18.76
N ASP A 382 7.11 3.72 -19.09
CA ASP A 382 7.96 4.85 -18.71
C ASP A 382 7.43 6.20 -19.18
N ASP A 383 6.81 6.25 -20.36
CA ASP A 383 6.29 7.52 -20.88
C ASP A 383 4.84 7.74 -20.47
N ASN A 384 4.37 6.90 -19.56
CA ASN A 384 3.02 6.98 -19.02
C ASN A 384 1.84 6.76 -19.96
N HIS A 385 2.06 6.12 -21.12
CA HIS A 385 0.91 5.88 -21.97
C HIS A 385 0.12 4.73 -21.33
N SER A 386 -1.16 4.63 -21.66
CA SER A 386 -2.04 3.64 -21.04
C SER A 386 -1.78 2.16 -21.28
N LEU A 387 -2.05 1.38 -20.24
CA LEU A 387 -1.95 -0.09 -20.29
C LEU A 387 -3.37 -0.55 -20.62
N SER A 388 -3.54 -1.83 -20.92
CA SER A 388 -4.87 -2.34 -21.23
C SER A 388 -5.66 -2.37 -19.92
N GLN A 389 -6.98 -2.31 -20.03
CA GLN A 389 -7.84 -2.31 -18.86
C GLN A 389 -7.60 -3.45 -17.89
N GLN A 390 -7.26 -4.64 -18.40
CA GLN A 390 -7.05 -5.81 -17.55
C GLN A 390 -5.59 -6.14 -17.22
N ALA A 391 -4.68 -5.24 -17.50
CA ALA A 391 -3.26 -5.48 -17.22
C ALA A 391 -3.03 -5.77 -15.73
N GLY A 392 -3.75 -5.06 -14.87
CA GLY A 392 -3.59 -5.28 -13.44
C GLY A 392 -4.33 -6.51 -12.96
N TYR A 393 -5.57 -6.65 -13.43
CA TYR A 393 -6.44 -7.76 -13.06
C TYR A 393 -5.83 -9.13 -13.39
N SER A 394 -5.34 -9.28 -14.62
CA SER A 394 -4.79 -10.57 -15.04
C SER A 394 -3.28 -10.65 -15.19
N ASN A 395 -2.70 -9.87 -16.10
CA ASN A 395 -1.26 -9.93 -16.35
C ASN A 395 -0.36 -9.77 -15.13
N ASN A 396 -0.50 -8.66 -14.42
CA ASN A 396 0.35 -8.43 -13.26
C ASN A 396 0.09 -9.46 -12.17
N SER A 397 -1.16 -9.89 -12.04
CA SER A 397 -1.49 -10.88 -11.03
C SER A 397 -0.81 -12.21 -11.32
N ASN A 398 -0.82 -12.64 -12.58
CA ASN A 398 -0.18 -13.90 -12.95
C ASN A 398 1.33 -13.80 -12.78
N TYR A 399 1.90 -12.68 -13.24
CA TYR A 399 3.35 -12.48 -13.11
C TYR A 399 3.77 -12.52 -11.64
N MET A 400 3.04 -11.80 -10.80
CA MET A 400 3.40 -11.77 -9.39
C MET A 400 3.22 -13.12 -8.70
N ALA A 401 2.29 -13.94 -9.19
CA ALA A 401 2.12 -15.27 -8.63
C ALA A 401 3.39 -16.07 -8.94
N HIS A 402 3.92 -15.91 -10.15
CA HIS A 402 5.16 -16.59 -10.56
C HIS A 402 6.33 -16.07 -9.72
N LEU A 403 6.35 -14.76 -9.48
CA LEU A 403 7.42 -14.15 -8.70
C LEU A 403 7.40 -14.68 -7.28
N VAL A 404 6.21 -14.73 -6.69
CA VAL A 404 6.04 -15.23 -5.33
C VAL A 404 6.46 -16.71 -5.24
N ASN A 405 6.12 -17.48 -6.26
CA ASN A 405 6.47 -18.90 -6.29
C ASN A 405 8.00 -19.06 -6.36
N ALA A 406 8.64 -18.24 -7.19
CA ALA A 406 10.10 -18.28 -7.34
C ALA A 406 10.80 -17.97 -6.03
N ILE A 407 10.26 -16.98 -5.30
CA ILE A 407 10.82 -16.59 -4.02
C ILE A 407 10.76 -17.74 -3.02
N GLN A 408 9.60 -18.38 -2.95
CA GLN A 408 9.39 -19.50 -2.03
C GLN A 408 10.27 -20.71 -2.36
N GLN A 409 10.43 -20.99 -3.65
CA GLN A 409 11.26 -22.12 -4.07
C GLN A 409 12.72 -21.87 -3.68
N ALA A 410 13.14 -20.61 -3.72
CA ALA A 410 14.51 -20.26 -3.37
C ALA A 410 14.74 -20.26 -1.86
N SER A 411 13.69 -19.95 -1.10
CA SER A 411 13.75 -19.89 0.35
C SER A 411 12.40 -20.38 0.87
N PRO A 412 12.21 -21.70 0.95
CA PRO A 412 10.99 -22.40 1.40
C PRO A 412 10.15 -21.86 2.56
N SER A 413 10.79 -21.40 3.64
CA SER A 413 10.04 -20.91 4.79
C SER A 413 9.93 -19.38 4.90
N ILE A 414 10.46 -18.66 3.91
CA ILE A 414 10.46 -17.20 3.98
C ILE A 414 9.09 -16.52 4.11
N TRP A 415 8.07 -17.04 3.43
CA TRP A 415 6.74 -16.43 3.51
C TRP A 415 6.05 -16.71 4.85
N GLY A 416 6.37 -17.86 5.43
CA GLY A 416 5.79 -18.22 6.71
C GLY A 416 4.40 -18.84 6.61
N ASN A 417 3.99 -19.53 7.67
CA ASN A 417 2.68 -20.17 7.73
C ASN A 417 1.82 -19.53 8.82
N GLU A 418 2.26 -18.40 9.36
CA GLU A 418 1.51 -17.71 10.39
C GLU A 418 0.23 -17.13 9.82
N ARG A 419 -0.73 -16.84 10.70
CA ARG A 419 -2.02 -16.28 10.31
C ARG A 419 -2.18 -14.88 10.88
N PHE A 420 -2.79 -13.98 10.09
CA PHE A 420 -3.08 -12.64 10.58
C PHE A 420 -4.29 -12.86 11.49
N ALA A 421 -4.35 -12.15 12.61
CA ALA A 421 -5.47 -12.33 13.53
C ALA A 421 -5.92 -11.04 14.20
N LEU A 422 -7.20 -10.96 14.49
CA LEU A 422 -7.79 -9.80 15.15
C LEU A 422 -7.14 -9.60 16.51
N ASP A 423 -6.71 -8.38 16.80
CA ASP A 423 -6.10 -8.07 18.08
C ASP A 423 -7.21 -8.16 19.13
N PRO A 424 -6.87 -8.56 20.37
CA PRO A 424 -7.91 -8.66 21.40
C PRO A 424 -8.56 -7.32 21.75
N SER A 425 -7.89 -6.22 21.41
CA SER A 425 -8.41 -4.88 21.70
C SER A 425 -9.53 -4.48 20.74
N VAL A 426 -9.73 -5.28 19.71
CA VAL A 426 -10.78 -5.01 18.74
C VAL A 426 -12.15 -5.14 19.40
N VAL A 427 -13.02 -4.16 19.15
CA VAL A 427 -14.37 -4.16 19.70
C VAL A 427 -15.34 -4.72 18.67
N LYS A 428 -16.16 -5.68 19.08
CA LYS A 428 -17.13 -6.28 18.18
C LYS A 428 -18.54 -5.79 18.49
N SER A 429 -19.25 -5.33 17.46
CA SER A 429 -20.60 -4.83 17.63
C SER A 429 -21.58 -5.54 16.72
N GLU A 430 -22.78 -5.78 17.23
CA GLU A 430 -23.83 -6.43 16.45
C GLU A 430 -24.61 -5.30 15.77
N VAL A 431 -24.54 -5.24 14.45
CA VAL A 431 -25.25 -4.19 13.72
C VAL A 431 -26.11 -4.75 12.61
N LEU A 432 -27.02 -3.91 12.11
CA LEU A 432 -27.89 -4.31 11.01
C LEU A 432 -27.04 -4.32 9.75
N LYS A 433 -27.26 -5.30 8.88
CA LYS A 433 -26.50 -5.38 7.65
C LYS A 433 -26.86 -4.22 6.73
N SER A 434 -28.11 -3.77 6.82
CA SER A 434 -28.61 -2.69 5.99
C SER A 434 -28.06 -1.30 6.32
N THR A 435 -27.76 -1.05 7.59
CA THR A 435 -27.25 0.26 7.99
C THR A 435 -25.84 0.24 8.56
N GLY A 436 -25.36 -0.94 8.92
CA GLY A 436 -24.03 -1.05 9.48
C GLY A 436 -23.99 -0.46 10.88
N GLN A 437 -25.16 -0.23 11.45
CA GLN A 437 -25.26 0.34 12.79
C GLN A 437 -26.27 -0.43 13.64
N LYS A 438 -26.14 -0.30 14.96
CA LYS A 438 -27.03 -1.00 15.89
C LYS A 438 -28.51 -0.75 15.62
N PRO A 439 -29.34 -1.78 15.85
CA PRO A 439 -30.79 -1.66 15.64
C PRO A 439 -31.41 -0.62 16.55
N GLY A 440 -32.46 0.04 16.08
CA GLY A 440 -33.13 1.05 16.88
C GLY A 440 -34.18 1.81 16.12
N LYS A 441 -34.72 2.85 16.74
CA LYS A 441 -35.76 3.67 16.12
C LYS A 441 -35.14 4.82 15.33
N VAL A 442 -35.74 5.12 14.18
CA VAL A 442 -35.25 6.20 13.33
C VAL A 442 -36.43 6.97 12.73
N SER A 443 -36.26 8.28 12.57
CA SER A 443 -37.30 9.12 12.00
C SER A 443 -37.13 9.26 10.49
N VAL A 444 -38.04 8.67 9.73
CA VAL A 444 -37.99 8.72 8.27
C VAL A 444 -39.06 9.66 7.73
N GLU A 445 -38.69 10.92 7.55
CA GLU A 445 -39.61 11.95 7.05
C GLU A 445 -41.03 11.74 7.57
N GLY A 446 -41.14 11.52 8.87
CA GLY A 446 -42.44 11.30 9.48
C GLY A 446 -42.56 9.89 10.02
N LYS A 447 -43.28 9.76 11.14
CA LYS A 447 -43.48 8.46 11.77
C LYS A 447 -42.17 7.88 12.30
N GLU A 448 -42.25 7.24 13.46
CA GLU A 448 -41.08 6.63 14.09
C GLU A 448 -40.95 5.17 13.66
N VAL A 449 -40.21 4.93 12.59
CA VAL A 449 -40.01 3.59 12.07
C VAL A 449 -39.00 2.81 12.91
N GLU A 450 -39.35 1.57 13.22
CA GLU A 450 -38.48 0.70 14.01
C GLU A 450 -37.61 -0.12 13.07
N VAL A 451 -36.38 0.34 12.86
CA VAL A 451 -35.45 -0.32 11.98
C VAL A 451 -34.91 -1.62 12.57
N THR A 452 -35.28 -2.74 11.95
CA THR A 452 -34.85 -4.05 12.39
C THR A 452 -34.43 -4.90 11.19
N GLY A 453 -34.07 -6.15 11.43
CA GLY A 453 -33.67 -7.02 10.34
C GLY A 453 -32.41 -7.83 10.61
N SER A 454 -31.93 -8.52 9.59
CA SER A 454 -30.72 -9.35 9.70
C SER A 454 -29.57 -8.53 10.25
N THR A 455 -28.75 -9.15 11.10
CA THR A 455 -27.61 -8.45 11.68
C THR A 455 -26.29 -9.16 11.37
N VAL A 456 -25.19 -8.48 11.68
CA VAL A 456 -23.86 -9.02 11.43
C VAL A 456 -22.89 -8.39 12.40
N THR A 457 -21.79 -9.08 12.68
CA THR A 457 -20.79 -8.56 13.60
C THR A 457 -19.89 -7.58 12.85
N SER A 458 -19.68 -6.41 13.43
CA SER A 458 -18.84 -5.39 12.82
C SER A 458 -17.69 -5.08 13.77
N TYR A 459 -16.48 -5.03 13.24
CA TYR A 459 -15.29 -4.75 14.06
C TYR A 459 -14.91 -3.28 14.08
N TRP A 460 -14.71 -2.76 15.29
CA TRP A 460 -14.33 -1.36 15.48
C TRP A 460 -13.01 -1.22 16.24
N ALA A 461 -12.35 -0.09 16.07
CA ALA A 461 -11.08 0.17 16.73
C ALA A 461 -11.20 1.27 17.76
N ASN A 462 -12.41 1.50 18.27
CA ASN A 462 -12.64 2.52 19.28
C ASN A 462 -12.92 1.82 20.61
N LYS A 463 -13.66 2.48 21.49
CA LYS A 463 -13.98 1.90 22.79
C LYS A 463 -15.42 1.41 22.88
N SER A 464 -16.36 2.23 22.43
CA SER A 464 -17.78 1.89 22.50
C SER A 464 -18.30 1.02 21.36
N GLY A 465 -17.57 1.00 20.24
CA GLY A 465 -18.01 0.20 19.11
C GLY A 465 -18.94 0.97 18.19
N ALA A 466 -19.81 0.24 17.49
CA ALA A 466 -20.75 0.86 16.55
C ALA A 466 -21.88 1.62 17.25
N PRO A 467 -22.21 2.82 16.72
CA PRO A 467 -23.28 3.64 17.31
C PRO A 467 -24.65 3.14 16.85
N ALA A 468 -25.70 3.59 17.53
CA ALA A 468 -27.05 3.19 17.16
C ALA A 468 -27.36 3.79 15.79
N THR A 469 -28.21 3.10 15.03
CA THR A 469 -28.57 3.57 13.70
C THR A 469 -29.16 4.98 13.71
N SER A 470 -28.70 5.81 12.79
CA SER A 470 -29.17 7.18 12.66
C SER A 470 -29.72 7.31 11.24
N TYR A 471 -30.37 8.43 10.93
CA TYR A 471 -30.92 8.60 9.60
C TYR A 471 -29.81 8.59 8.55
N ARG A 472 -28.76 9.35 8.80
CA ARG A 472 -27.61 9.37 7.88
C ARG A 472 -26.63 8.33 8.40
N PHE A 473 -26.98 7.06 8.20
CA PHE A 473 -26.18 5.94 8.68
C PHE A 473 -24.91 5.61 7.90
N ALA A 474 -24.81 6.09 6.67
CA ALA A 474 -23.65 5.79 5.83
C ALA A 474 -22.63 6.91 5.68
N ILE A 475 -21.46 6.56 5.17
CA ILE A 475 -20.41 7.53 4.91
C ILE A 475 -20.75 8.14 3.56
N GLY A 476 -21.13 9.42 3.56
CA GLY A 476 -21.49 10.08 2.32
C GLY A 476 -22.94 9.86 1.92
N GLY A 477 -23.36 10.49 0.83
CA GLY A 477 -24.73 10.34 0.37
C GLY A 477 -25.52 11.64 0.38
N SER A 478 -26.32 11.86 -0.66
CA SER A 478 -27.14 13.06 -0.76
C SER A 478 -28.49 12.81 -0.11
N ASP A 479 -29.29 13.86 0.05
CA ASP A 479 -30.60 13.73 0.66
C ASP A 479 -31.44 12.77 -0.19
N ALA A 480 -31.32 12.89 -1.50
CA ALA A 480 -32.05 12.03 -2.41
C ALA A 480 -31.60 10.58 -2.27
N ASP A 481 -30.29 10.37 -2.17
CA ASP A 481 -29.75 9.02 -2.03
C ASP A 481 -30.35 8.34 -0.80
N TYR A 482 -30.40 9.07 0.31
CA TYR A 482 -30.95 8.52 1.54
C TYR A 482 -32.44 8.23 1.44
N GLN A 483 -33.15 9.03 0.66
CA GLN A 483 -34.58 8.82 0.48
C GLN A 483 -34.74 7.47 -0.24
N ASN A 484 -33.91 7.27 -1.25
CA ASN A 484 -33.93 6.03 -2.02
C ASN A 484 -33.49 4.85 -1.17
N ALA A 485 -32.46 5.05 -0.36
CA ALA A 485 -31.95 4.01 0.50
C ALA A 485 -32.99 3.57 1.53
N TRP A 486 -33.49 4.52 2.31
CA TRP A 486 -34.48 4.20 3.33
C TRP A 486 -35.76 3.64 2.73
N SER A 487 -36.05 3.99 1.48
CA SER A 487 -37.23 3.49 0.82
C SER A 487 -37.12 1.98 0.70
N SER A 488 -35.91 1.51 0.37
CA SER A 488 -35.64 0.09 0.22
C SER A 488 -35.55 -0.61 1.57
N ILE A 489 -34.89 0.02 2.53
CA ILE A 489 -34.74 -0.55 3.86
C ILE A 489 -36.11 -0.81 4.46
N VAL A 490 -36.95 0.23 4.47
CA VAL A 490 -38.30 0.10 5.01
C VAL A 490 -39.08 -0.90 4.16
N GLY A 491 -38.92 -0.80 2.84
CA GLY A 491 -39.62 -1.70 1.94
C GLY A 491 -39.26 -3.14 2.19
N SER A 492 -38.06 -3.49 2.07
S SO4 B . 11.95 7.21 -1.38
O1 SO4 B . 10.65 7.90 -1.45
O2 SO4 B . 11.79 5.83 -1.85
O3 SO4 B . 12.92 7.91 -2.25
O4 SO4 B . 12.43 7.21 0.01
CL CL C . 19.76 -6.82 -10.07
#